data_5JIU
#
_entry.id   5JIU
#
_cell.length_a   123.318
_cell.length_b   123.318
_cell.length_c   91.986
_cell.angle_alpha   90.00
_cell.angle_beta   90.00
_cell.angle_gamma   90.00
#
_symmetry.space_group_name_H-M   'I 4'
#
loop_
_entity.id
_entity.type
_entity.pdbx_description
1 polymer 'Ran-binding protein 9'
2 polymer 'Probable ATP-dependent RNA helicase DDX4'
3 non-polymer 'CHLORIDE ION'
4 water water
#
loop_
_entity_poly.entity_id
_entity_poly.type
_entity_poly.pdbx_seq_one_letter_code
_entity_poly.pdbx_strand_id
1 'polypeptide(L)'
;LAAGPGPAGGAPTPALVAGSSAAAPFPHGDSALNEQEKELQRRLKRLYPAVDEQETPLPRSWSPKDKFSYIGLSQNNLRV
HYKGHGKTPKDAASVRATHPIPAACGIYYFEVKIVSKGRDGYMGIGLSAQGVNMNRLPGWDKHSYGYHGDDGHSFCSSGT
GQPYGPTFTTGDVIGCCVNLINNTCFYTKNGHSLGIAFTDLPPNLYPTVGLQTPGEVVDANFGQHPFVFDIEDYMREWRT
KIQ
;
A,B
2 'polypeptide(L)' KSETEGGESSDSQGPKVTYI C,D
#
loop_
_chem_comp.id
_chem_comp.type
_chem_comp.name
_chem_comp.formula
CL non-polymer 'CHLORIDE ION' 'Cl -1'
#
# COMPACT_ATOMS: atom_id res chain seq x y z
N ASN A 34 -9.28 -10.41 -7.70
CA ASN A 34 -7.89 -10.84 -7.79
C ASN A 34 -6.90 -9.68 -7.60
N GLU A 35 -7.40 -8.45 -7.67
CA GLU A 35 -6.54 -7.31 -7.40
C GLU A 35 -6.50 -7.06 -5.90
N GLN A 36 -7.58 -7.44 -5.23
CA GLN A 36 -7.62 -7.44 -3.79
C GLN A 36 -6.59 -8.43 -3.23
N GLU A 37 -6.60 -9.63 -3.79
CA GLU A 37 -5.70 -10.69 -3.35
C GLU A 37 -4.25 -10.32 -3.59
N LYS A 38 -4.00 -9.58 -4.67
CA LYS A 38 -2.65 -9.15 -4.98
C LYS A 38 -2.14 -8.16 -3.96
N GLU A 39 -2.96 -7.18 -3.62
CA GLU A 39 -2.59 -6.19 -2.62
C GLU A 39 -2.38 -6.85 -1.24
N LEU A 40 -3.22 -7.83 -0.92
CA LEU A 40 -3.10 -8.54 0.35
C LEU A 40 -1.78 -9.27 0.42
N GLN A 41 -1.46 -9.97 -0.66
CA GLN A 41 -0.25 -10.77 -0.72
C GLN A 41 0.98 -9.89 -0.56
N ARG A 42 0.97 -8.76 -1.26
CA ARG A 42 2.09 -7.84 -1.16
C ARG A 42 2.27 -7.29 0.24
N ARG A 43 1.15 -6.95 0.89
CA ARG A 43 1.24 -6.33 2.21
C ARG A 43 1.74 -7.36 3.23
N LEU A 44 1.28 -8.59 3.12
CA LEU A 44 1.72 -9.60 4.06
C LEU A 44 3.20 -9.87 3.90
N LYS A 45 3.65 -9.86 2.64
CA LYS A 45 5.03 -10.09 2.33
C LYS A 45 5.91 -8.96 2.88
N ARG A 46 5.44 -7.72 2.79
CA ARG A 46 6.25 -6.60 3.24
C ARG A 46 6.22 -6.46 4.77
N LEU A 47 5.09 -6.76 5.41
CA LEU A 47 5.05 -6.68 6.86
C LEU A 47 5.68 -7.89 7.56
N TYR A 48 5.55 -9.08 6.97
CA TYR A 48 6.04 -10.28 7.64
C TYR A 48 7.01 -11.05 6.71
N PRO A 49 8.16 -10.45 6.41
CA PRO A 49 9.12 -10.99 5.44
C PRO A 49 9.62 -12.38 5.81
N ALA A 50 9.65 -12.72 7.10
CA ALA A 50 10.23 -13.99 7.52
C ALA A 50 9.19 -15.09 7.53
N VAL A 51 7.93 -14.74 7.28
CA VAL A 51 6.88 -15.74 7.31
C VAL A 51 6.73 -16.44 5.95
N ASP A 52 6.90 -17.76 5.96
CA ASP A 52 6.59 -18.57 4.79
C ASP A 52 5.25 -19.25 5.03
N GLU A 53 4.22 -18.76 4.33
CA GLU A 53 2.86 -19.22 4.60
C GLU A 53 2.62 -20.68 4.23
N GLN A 54 3.58 -21.31 3.57
CA GLN A 54 3.48 -22.74 3.32
C GLN A 54 3.81 -23.49 4.60
N GLU A 55 4.49 -22.83 5.53
CA GLU A 55 4.74 -23.42 6.83
C GLU A 55 3.74 -22.91 7.87
N THR A 56 3.47 -21.62 7.88
CA THR A 56 2.51 -21.06 8.80
C THR A 56 1.60 -20.11 8.06
N PRO A 57 0.43 -20.58 7.61
CA PRO A 57 -0.50 -19.69 6.90
C PRO A 57 -0.87 -18.51 7.79
N LEU A 58 -1.02 -17.32 7.22
CA LEU A 58 -1.40 -16.16 8.04
C LEU A 58 -2.91 -16.03 8.15
N PRO A 59 -3.41 -15.47 9.25
CA PRO A 59 -4.86 -15.27 9.25
C PRO A 59 -5.22 -14.25 8.18
N ARG A 60 -6.17 -14.58 7.31
CA ARG A 60 -6.55 -13.67 6.23
C ARG A 60 -8.04 -13.34 6.27
N SER A 61 -8.79 -14.10 7.04
CA SER A 61 -10.21 -13.83 7.23
C SER A 61 -10.71 -14.53 8.49
N TRP A 62 -11.99 -14.30 8.78
CA TRP A 62 -12.64 -14.96 9.89
C TRP A 62 -13.04 -16.38 9.52
N SER A 63 -13.02 -17.28 10.49
CA SER A 63 -13.32 -18.67 10.24
C SER A 63 -14.82 -18.95 10.28
N PRO A 64 -15.36 -19.53 9.21
CA PRO A 64 -16.78 -19.89 9.21
C PRO A 64 -17.06 -21.05 10.16
N LYS A 65 -16.06 -21.88 10.45
CA LYS A 65 -16.25 -23.00 11.37
C LYS A 65 -16.01 -22.62 12.84
N ASP A 66 -15.02 -21.76 13.07
CA ASP A 66 -14.58 -21.44 14.41
C ASP A 66 -15.24 -20.17 14.98
N LYS A 67 -16.56 -20.21 15.12
CA LYS A 67 -17.39 -19.08 15.53
C LYS A 67 -18.61 -19.56 16.30
N PHE A 68 -19.19 -18.71 17.14
CA PHE A 68 -20.46 -19.08 17.76
C PHE A 68 -21.61 -18.89 16.77
N SER A 69 -22.75 -19.53 17.05
CA SER A 69 -23.86 -19.52 16.10
C SER A 69 -24.49 -18.13 15.97
N TYR A 70 -24.38 -17.31 17.01
CA TYR A 70 -24.91 -15.95 16.94
C TYR A 70 -24.06 -15.01 16.06
N ILE A 71 -22.96 -15.49 15.50
CA ILE A 71 -22.13 -14.69 14.58
C ILE A 71 -22.43 -15.00 13.12
N GLY A 72 -22.66 -13.96 12.32
CA GLY A 72 -22.70 -14.11 10.87
C GLY A 72 -21.52 -13.45 10.18
N LEU A 73 -21.08 -14.04 9.07
CA LEU A 73 -19.99 -13.50 8.24
C LEU A 73 -20.45 -13.10 6.86
N SER A 74 -19.79 -12.10 6.27
CA SER A 74 -20.03 -11.71 4.89
C SER A 74 -18.79 -10.97 4.35
N GLN A 75 -18.85 -10.56 3.08
CA GLN A 75 -17.79 -9.79 2.43
C GLN A 75 -16.47 -10.54 2.51
N ASN A 76 -16.42 -11.66 1.82
CA ASN A 76 -15.32 -12.60 1.87
C ASN A 76 -14.87 -12.89 3.30
N ASN A 77 -15.84 -13.08 4.19
CA ASN A 77 -15.59 -13.46 5.58
C ASN A 77 -14.70 -12.45 6.32
N LEU A 78 -14.85 -11.19 5.96
CA LEU A 78 -14.16 -10.11 6.66
C LEU A 78 -15.13 -9.32 7.52
N ARG A 79 -16.41 -9.37 7.18
CA ARG A 79 -17.41 -8.61 7.92
C ARG A 79 -18.16 -9.48 8.92
N VAL A 80 -18.22 -9.02 10.16
CA VAL A 80 -18.85 -9.77 11.24
C VAL A 80 -20.12 -9.07 11.71
N HIS A 81 -21.23 -9.81 11.84
CA HIS A 81 -22.42 -9.21 12.43
C HIS A 81 -23.08 -10.12 13.45
N TYR A 82 -23.68 -9.51 14.44
CA TYR A 82 -24.41 -10.24 15.45
C TYR A 82 -25.75 -10.65 14.87
N LYS A 83 -26.09 -11.93 14.92
CA LYS A 83 -27.40 -12.34 14.39
C LYS A 83 -28.23 -13.14 15.39
N GLY A 84 -27.86 -13.09 16.68
CA GLY A 84 -28.69 -13.65 17.71
C GLY A 84 -29.84 -12.69 18.00
N HIS A 85 -30.94 -13.21 18.53
CA HIS A 85 -32.09 -12.37 18.87
C HIS A 85 -31.71 -11.34 19.93
N GLY A 86 -30.77 -11.70 20.79
CA GLY A 86 -30.17 -10.73 21.70
C GLY A 86 -30.95 -10.49 22.98
N LYS A 87 -31.59 -11.55 23.49
CA LYS A 87 -32.31 -11.50 24.76
C LYS A 87 -32.17 -12.79 25.59
N THR A 88 -31.00 -13.42 25.53
CA THR A 88 -30.67 -14.49 26.46
C THR A 88 -29.76 -13.91 27.53
N PRO A 89 -29.60 -14.63 28.66
CA PRO A 89 -28.63 -14.19 29.67
C PRO A 89 -27.18 -14.27 29.17
N LYS A 90 -26.95 -15.11 28.17
CA LYS A 90 -25.64 -15.29 27.57
C LYS A 90 -25.68 -14.99 26.08
N ASP A 91 -25.75 -13.73 25.73
CA ASP A 91 -25.88 -13.34 24.33
C ASP A 91 -24.52 -13.28 23.62
N ALA A 92 -23.45 -13.15 24.38
CA ALA A 92 -22.11 -12.92 23.84
C ALA A 92 -21.67 -13.98 22.83
N ALA A 93 -21.07 -13.54 21.72
CA ALA A 93 -20.63 -14.46 20.68
C ALA A 93 -19.33 -13.99 20.00
N SER A 94 -18.38 -14.91 19.87
CA SER A 94 -17.08 -14.60 19.33
C SER A 94 -16.77 -15.40 18.07
N VAL A 95 -15.78 -14.90 17.33
CA VAL A 95 -15.29 -15.57 16.16
C VAL A 95 -13.78 -15.43 16.10
N ARG A 96 -13.12 -16.50 15.74
CA ARG A 96 -11.67 -16.52 15.59
C ARG A 96 -11.30 -16.53 14.13
N ALA A 97 -10.14 -15.94 13.80
CA ALA A 97 -9.60 -15.98 12.45
C ALA A 97 -9.25 -17.40 12.03
N THR A 98 -8.94 -17.59 10.75
CA THR A 98 -8.65 -18.92 10.23
C THR A 98 -7.39 -19.57 10.81
N HIS A 99 -6.44 -18.75 11.25
CA HIS A 99 -5.14 -19.26 11.70
C HIS A 99 -4.60 -18.47 12.87
N PRO A 100 -3.79 -19.12 13.72
CA PRO A 100 -3.09 -18.41 14.79
C PRO A 100 -1.96 -17.53 14.20
N ILE A 101 -1.48 -16.58 14.97
CA ILE A 101 -0.36 -15.70 14.59
C ILE A 101 0.98 -16.41 14.72
N PRO A 102 1.72 -16.57 13.62
CA PRO A 102 3.02 -17.25 13.69
C PRO A 102 4.11 -16.40 14.32
N ALA A 103 4.99 -17.05 15.08
CA ALA A 103 6.04 -16.34 15.80
C ALA A 103 6.96 -15.59 14.83
N ALA A 104 7.10 -16.14 13.63
CA ALA A 104 7.99 -15.57 12.62
C ALA A 104 7.55 -14.18 12.16
N CYS A 105 6.32 -13.77 12.50
CA CYS A 105 5.92 -12.38 12.26
C CYS A 105 6.81 -11.41 13.03
N GLY A 106 7.18 -11.78 14.26
CA GLY A 106 7.97 -10.88 15.09
C GLY A 106 7.02 -9.90 15.75
N ILE A 107 6.45 -9.03 14.93
CA ILE A 107 5.34 -8.17 15.34
C ILE A 107 4.16 -8.42 14.39
N TYR A 108 2.96 -8.62 14.94
CA TYR A 108 1.78 -8.77 14.09
C TYR A 108 0.74 -7.66 14.35
N TYR A 109 0.00 -7.30 13.31
CA TYR A 109 -0.98 -6.23 13.42
C TYR A 109 -2.25 -6.54 12.64
N PHE A 110 -3.40 -6.32 13.24
CA PHE A 110 -4.64 -6.28 12.47
C PHE A 110 -5.50 -5.12 12.98
N GLU A 111 -6.43 -4.65 12.18
CA GLU A 111 -7.33 -3.57 12.59
C GLU A 111 -8.78 -3.95 12.38
N VAL A 112 -9.67 -3.44 13.22
CA VAL A 112 -11.09 -3.73 13.11
C VAL A 112 -11.84 -2.41 13.01
N LYS A 113 -12.63 -2.26 11.95
CA LYS A 113 -13.45 -1.04 11.82
C LYS A 113 -14.82 -1.27 12.43
N ILE A 114 -15.25 -0.37 13.31
CA ILE A 114 -16.60 -0.46 13.84
C ILE A 114 -17.57 0.11 12.81
N VAL A 115 -18.15 -0.76 11.99
CA VAL A 115 -19.13 -0.32 10.99
C VAL A 115 -20.39 0.18 11.68
N SER A 116 -20.89 -0.61 12.65
CA SER A 116 -22.07 -0.23 13.42
C SER A 116 -21.96 -0.70 14.87
N LYS A 117 -22.15 0.22 15.80
CA LYS A 117 -22.17 -0.12 17.23
C LYS A 117 -23.45 -0.85 17.61
N GLY A 118 -24.43 -0.86 16.71
CA GLY A 118 -25.65 -1.62 16.96
C GLY A 118 -26.44 -1.08 18.14
N ARG A 119 -27.05 -1.97 18.91
CA ARG A 119 -27.87 -1.54 20.05
C ARG A 119 -27.04 -0.94 21.19
N ASP A 120 -26.13 -1.72 21.74
CA ASP A 120 -25.41 -1.29 22.93
C ASP A 120 -23.89 -1.18 22.72
N GLY A 121 -23.38 -1.71 21.61
CA GLY A 121 -21.97 -1.61 21.33
C GLY A 121 -21.12 -2.36 22.34
N TYR A 122 -21.60 -3.54 22.72
CA TYR A 122 -20.86 -4.45 23.57
C TYR A 122 -19.95 -5.29 22.71
N MET A 123 -18.87 -4.66 22.23
CA MET A 123 -18.00 -5.25 21.22
C MET A 123 -16.59 -5.40 21.78
N GLY A 124 -16.03 -6.61 21.69
CA GLY A 124 -14.69 -6.84 22.17
C GLY A 124 -13.71 -7.20 21.06
N ILE A 125 -12.52 -6.62 21.12
CA ILE A 125 -11.50 -6.90 20.12
C ILE A 125 -10.26 -7.45 20.80
N GLY A 126 -9.78 -8.59 20.33
CA GLY A 126 -8.55 -9.10 20.90
C GLY A 126 -8.05 -10.40 20.35
N LEU A 127 -7.69 -11.29 21.26
CA LEU A 127 -6.94 -12.51 20.96
C LEU A 127 -7.48 -13.65 21.79
N SER A 128 -7.43 -14.87 21.26
CA SER A 128 -7.72 -16.02 22.10
C SER A 128 -7.05 -17.26 21.58
N ALA A 129 -6.83 -18.21 22.48
CA ALA A 129 -6.25 -19.48 22.07
C ALA A 129 -7.30 -20.33 21.37
N GLN A 130 -6.85 -21.35 20.66
CA GLN A 130 -7.73 -22.32 20.03
C GLN A 130 -8.66 -22.93 21.08
N GLY A 131 -9.90 -23.19 20.68
CA GLY A 131 -10.84 -23.90 21.54
C GLY A 131 -11.46 -23.15 22.71
N VAL A 132 -11.06 -21.90 22.93
CA VAL A 132 -11.69 -21.12 24.00
C VAL A 132 -13.18 -20.93 23.70
N ASN A 133 -14.00 -21.00 24.75
CA ASN A 133 -15.45 -20.83 24.64
C ASN A 133 -15.87 -19.58 23.84
N MET A 134 -16.67 -19.77 22.81
CA MET A 134 -17.04 -18.67 21.92
C MET A 134 -18.37 -18.00 22.26
N ASN A 135 -19.06 -18.52 23.27
CA ASN A 135 -20.26 -17.89 23.81
C ASN A 135 -19.85 -16.80 24.80
N ARG A 136 -18.82 -16.03 24.44
CA ARG A 136 -18.22 -15.04 25.34
C ARG A 136 -17.67 -13.83 24.57
N LEU A 137 -17.39 -12.75 25.26
CA LEU A 137 -16.58 -11.70 24.68
C LEU A 137 -15.10 -12.00 24.98
N PRO A 138 -14.19 -11.60 24.07
CA PRO A 138 -12.79 -11.95 24.28
C PRO A 138 -12.24 -11.31 25.55
N GLY A 139 -11.52 -12.09 26.35
CA GLY A 139 -10.92 -11.58 27.58
C GLY A 139 -11.63 -12.07 28.83
N TRP A 140 -12.88 -12.50 28.68
CA TRP A 140 -13.62 -13.06 29.81
C TRP A 140 -13.02 -14.37 30.30
N ASP A 141 -12.53 -15.18 29.38
CA ASP A 141 -12.07 -16.51 29.74
C ASP A 141 -10.56 -16.62 29.80
N LYS A 142 -10.08 -17.68 30.43
CA LYS A 142 -8.64 -17.94 30.48
C LYS A 142 -8.08 -18.11 29.05
N HIS A 143 -6.91 -17.52 28.79
CA HIS A 143 -6.28 -17.55 27.47
C HIS A 143 -7.08 -16.75 26.44
N SER A 144 -7.71 -15.69 26.90
CA SER A 144 -8.46 -14.81 26.03
C SER A 144 -8.17 -13.38 26.45
N TYR A 145 -8.08 -12.48 25.48
CA TYR A 145 -7.62 -11.11 25.74
C TYR A 145 -8.48 -10.16 24.95
N GLY A 146 -9.01 -9.14 25.61
CA GLY A 146 -9.98 -8.28 24.98
C GLY A 146 -9.93 -6.83 25.39
N TYR A 147 -10.33 -5.97 24.46
CA TYR A 147 -10.49 -4.55 24.70
C TYR A 147 -11.90 -4.22 24.21
N HIS A 148 -12.75 -3.71 25.09
CA HIS A 148 -14.19 -3.58 24.82
C HIS A 148 -14.58 -2.12 24.59
N GLY A 149 -15.50 -1.90 23.64
CA GLY A 149 -15.87 -0.57 23.21
C GLY A 149 -16.82 0.22 24.09
N ASP A 150 -17.65 -0.46 24.87
CA ASP A 150 -18.61 0.26 25.69
C ASP A 150 -17.98 0.92 26.92
N ASP A 151 -16.91 0.33 27.43
CA ASP A 151 -16.30 0.83 28.66
C ASP A 151 -14.80 1.17 28.55
N GLY A 152 -14.19 0.83 27.42
CA GLY A 152 -12.77 1.12 27.23
C GLY A 152 -11.85 0.24 28.04
N HIS A 153 -12.42 -0.78 28.66
CA HIS A 153 -11.63 -1.66 29.53
C HIS A 153 -10.94 -2.80 28.80
N SER A 154 -9.79 -3.22 29.32
CA SER A 154 -9.12 -4.42 28.85
C SER A 154 -9.51 -5.62 29.71
N PHE A 155 -9.62 -6.78 29.10
CA PHE A 155 -9.99 -7.99 29.81
C PHE A 155 -8.96 -9.08 29.59
N CYS A 156 -8.32 -9.49 30.68
CA CYS A 156 -7.21 -10.43 30.61
C CYS A 156 -7.52 -11.69 31.42
N SER A 157 -8.17 -12.66 30.78
CA SER A 157 -8.58 -13.92 31.41
C SER A 157 -9.41 -13.72 32.70
N SER A 158 -10.24 -12.68 32.69
CA SER A 158 -11.02 -12.26 33.84
C SER A 158 -12.32 -11.57 33.40
N GLY A 159 -13.44 -11.93 34.02
CA GLY A 159 -14.72 -11.31 33.69
C GLY A 159 -14.79 -9.84 34.11
N THR A 160 -13.82 -9.40 34.92
CA THR A 160 -13.75 -8.02 35.42
C THR A 160 -12.60 -7.25 34.74
N GLY A 161 -12.96 -6.16 34.09
CA GLY A 161 -12.00 -5.41 33.31
C GLY A 161 -11.18 -4.45 34.13
N GLN A 162 -10.21 -3.82 33.49
CA GLN A 162 -9.39 -2.78 34.08
C GLN A 162 -9.50 -1.57 33.21
N PRO A 163 -9.48 -0.38 33.78
CA PRO A 163 -9.46 0.81 32.92
C PRO A 163 -8.24 0.75 32.02
N TYR A 164 -8.42 1.00 30.73
CA TYR A 164 -7.29 0.90 29.81
C TYR A 164 -7.33 2.00 28.77
N GLY A 165 -8.41 2.08 28.02
CA GLY A 165 -8.47 3.08 26.97
C GLY A 165 -9.84 3.72 26.87
N PRO A 166 -10.00 4.57 25.86
CA PRO A 166 -11.30 5.20 25.62
C PRO A 166 -12.32 4.17 25.18
N THR A 167 -13.59 4.55 25.25
CA THR A 167 -14.63 3.76 24.62
C THR A 167 -14.44 3.86 23.11
N PHE A 168 -15.08 2.97 22.36
CA PHE A 168 -15.12 3.18 20.93
C PHE A 168 -16.48 2.79 20.37
N THR A 169 -16.78 3.33 19.20
CA THR A 169 -18.12 3.21 18.64
C THR A 169 -18.07 3.32 17.11
N THR A 170 -19.26 3.38 16.51
CA THR A 170 -19.41 3.48 15.06
C THR A 170 -18.44 4.43 14.40
N GLY A 171 -17.68 3.94 13.44
CA GLY A 171 -16.76 4.78 12.70
C GLY A 171 -15.30 4.63 13.10
N ASP A 172 -15.07 4.27 14.37
CA ASP A 172 -13.71 4.10 14.89
C ASP A 172 -13.00 2.89 14.29
N VAL A 173 -11.67 2.97 14.23
CA VAL A 173 -10.85 1.84 13.82
C VAL A 173 -9.97 1.44 14.99
N ILE A 174 -10.07 0.19 15.40
CA ILE A 174 -9.30 -0.29 16.54
C ILE A 174 -8.26 -1.31 16.07
N GLY A 175 -7.00 -1.08 16.40
CA GLY A 175 -5.91 -1.95 15.98
C GLY A 175 -5.39 -2.76 17.16
N CYS A 176 -4.82 -3.92 16.87
CA CYS A 176 -4.29 -4.79 17.91
C CYS A 176 -2.91 -5.25 17.47
N CYS A 177 -1.88 -4.77 18.16
CA CYS A 177 -0.51 -5.06 17.79
C CYS A 177 0.10 -6.08 18.74
N VAL A 178 0.57 -7.20 18.20
CA VAL A 178 1.09 -8.28 19.04
C VAL A 178 2.56 -8.46 18.80
N ASN A 179 3.34 -8.49 19.87
CA ASN A 179 4.78 -8.70 19.72
C ASN A 179 5.11 -10.14 20.10
N LEU A 180 5.55 -10.93 19.13
CA LEU A 180 5.73 -12.36 19.35
C LEU A 180 7.07 -12.61 20.06
N ILE A 181 7.92 -11.59 20.09
CA ILE A 181 9.21 -11.70 20.72
C ILE A 181 9.07 -11.50 22.21
N ASN A 182 8.37 -10.46 22.65
CA ASN A 182 8.27 -10.19 24.09
C ASN A 182 6.89 -10.49 24.69
N ASN A 183 5.97 -10.99 23.86
CA ASN A 183 4.69 -11.48 24.32
C ASN A 183 3.87 -10.40 24.96
N THR A 184 3.93 -9.21 24.37
CA THR A 184 3.09 -8.12 24.82
C THR A 184 2.17 -7.64 23.70
N CYS A 185 1.12 -6.95 24.08
CA CYS A 185 0.16 -6.45 23.11
C CYS A 185 -0.27 -5.02 23.43
N PHE A 186 -0.29 -4.16 22.42
CA PHE A 186 -0.94 -2.86 22.58
C PHE A 186 -2.04 -2.68 21.55
N TYR A 187 -3.05 -1.88 21.90
CA TYR A 187 -4.09 -1.52 20.94
C TYR A 187 -3.91 -0.12 20.41
N THR A 188 -4.59 0.18 19.30
CA THR A 188 -4.60 1.54 18.75
C THR A 188 -6.04 1.97 18.48
N LYS A 189 -6.28 3.28 18.48
CA LYS A 189 -7.56 3.84 18.06
C LYS A 189 -7.36 4.96 17.05
N ASN A 190 -7.94 4.77 15.87
CA ASN A 190 -7.85 5.74 14.80
C ASN A 190 -6.42 6.24 14.53
N GLY A 191 -5.47 5.33 14.59
CA GLY A 191 -4.09 5.66 14.24
C GLY A 191 -3.18 5.94 15.42
N HIS A 192 -3.73 5.95 16.64
CA HIS A 192 -2.97 6.35 17.81
C HIS A 192 -2.79 5.22 18.82
N SER A 193 -1.53 4.96 19.23
CA SER A 193 -1.27 3.90 20.20
C SER A 193 -1.96 4.18 21.52
N LEU A 194 -2.41 3.13 22.20
CA LEU A 194 -3.08 3.27 23.49
C LEU A 194 -2.22 2.69 24.60
N GLY A 195 -0.97 2.37 24.27
CA GLY A 195 -0.08 1.77 25.26
C GLY A 195 -0.34 0.30 25.51
N ILE A 196 0.64 -0.36 26.12
CA ILE A 196 0.57 -1.80 26.35
C ILE A 196 -0.64 -2.16 27.16
N ALA A 197 -1.36 -3.18 26.72
CA ALA A 197 -2.53 -3.63 27.44
C ALA A 197 -2.27 -4.95 28.14
N PHE A 198 -1.47 -5.81 27.53
CA PHE A 198 -1.25 -7.15 28.09
C PHE A 198 0.21 -7.57 28.00
N THR A 199 0.65 -8.35 28.97
CA THR A 199 1.97 -8.97 28.94
C THR A 199 1.76 -10.46 29.15
N ASP A 200 2.82 -11.26 29.06
CA ASP A 200 2.75 -12.70 29.35
C ASP A 200 1.76 -13.44 28.44
N LEU A 201 1.59 -12.96 27.22
CA LEU A 201 0.74 -13.64 26.23
C LEU A 201 1.27 -15.03 25.88
N PRO A 202 0.38 -16.03 25.91
CA PRO A 202 0.65 -17.36 25.38
C PRO A 202 0.94 -17.25 23.90
N PRO A 203 1.59 -18.27 23.31
CA PRO A 203 1.81 -18.38 21.88
C PRO A 203 0.56 -18.87 21.14
N ASN A 204 0.56 -18.77 19.81
CA ASN A 204 -0.50 -19.29 18.97
C ASN A 204 -1.86 -18.69 19.26
N LEU A 205 -1.90 -17.38 19.43
CA LEU A 205 -3.15 -16.70 19.66
C LEU A 205 -3.81 -16.36 18.33
N TYR A 206 -5.14 -16.40 18.30
CA TYR A 206 -5.93 -16.07 17.13
C TYR A 206 -6.52 -14.67 17.28
N PRO A 207 -6.47 -13.85 16.21
CA PRO A 207 -7.30 -12.64 16.23
C PRO A 207 -8.75 -13.03 16.50
N THR A 208 -9.44 -12.26 17.36
CA THR A 208 -10.80 -12.61 17.75
C THR A 208 -11.63 -11.36 17.89
N VAL A 209 -12.87 -11.39 17.43
CA VAL A 209 -13.79 -10.33 17.82
C VAL A 209 -15.00 -10.94 18.52
N GLY A 210 -15.58 -10.18 19.45
CA GLY A 210 -16.81 -10.60 20.07
C GLY A 210 -17.85 -9.50 20.02
N LEU A 211 -19.09 -9.90 19.73
CA LEU A 211 -20.24 -9.02 19.67
C LEU A 211 -21.35 -9.58 20.58
N GLN A 212 -22.29 -8.74 21.01
CA GLN A 212 -23.31 -9.21 21.94
C GLN A 212 -24.75 -8.71 21.67
N THR A 213 -24.89 -7.55 21.02
CA THR A 213 -26.22 -6.97 20.79
C THR A 213 -26.53 -6.82 19.31
N PRO A 214 -27.82 -6.90 18.96
CA PRO A 214 -28.24 -6.81 17.55
C PRO A 214 -27.76 -5.53 16.87
N GLY A 215 -27.47 -5.62 15.58
CA GLY A 215 -27.04 -4.47 14.82
C GLY A 215 -25.54 -4.21 14.88
N GLU A 216 -24.83 -4.95 15.73
CA GLU A 216 -23.38 -4.76 15.80
C GLU A 216 -22.75 -5.34 14.55
N VAL A 217 -21.89 -4.55 13.92
CA VAL A 217 -21.22 -4.96 12.70
C VAL A 217 -19.81 -4.43 12.70
N VAL A 218 -18.81 -5.30 12.57
CA VAL A 218 -17.42 -4.87 12.45
C VAL A 218 -16.71 -5.55 11.29
N ASP A 219 -15.71 -4.85 10.75
CA ASP A 219 -14.89 -5.36 9.64
C ASP A 219 -13.43 -5.57 10.03
N ALA A 220 -12.89 -6.72 9.66
CA ALA A 220 -11.46 -6.99 9.84
C ALA A 220 -10.65 -6.53 8.64
N ASN A 221 -9.55 -5.84 8.92
CA ASN A 221 -8.46 -5.69 7.98
C ASN A 221 -7.29 -6.55 8.45
N PHE A 222 -7.09 -7.70 7.81
CA PHE A 222 -5.95 -8.54 8.13
C PHE A 222 -4.75 -8.19 7.23
N GLY A 223 -4.86 -7.06 6.53
CA GLY A 223 -3.85 -6.70 5.57
C GLY A 223 -4.37 -6.45 4.16
N GLN A 224 -5.67 -6.62 3.96
CA GLN A 224 -6.29 -6.34 2.64
C GLN A 224 -6.18 -4.87 2.25
N HIS A 225 -6.06 -4.01 3.26
CA HIS A 225 -6.06 -2.56 3.06
C HIS A 225 -4.95 -1.92 3.84
N PRO A 226 -4.53 -0.71 3.43
CA PRO A 226 -3.61 0.07 4.25
C PRO A 226 -4.14 0.21 5.68
N PHE A 227 -3.25 0.25 6.67
CA PHE A 227 -3.70 0.36 8.04
C PHE A 227 -3.79 1.84 8.39
N VAL A 228 -4.68 2.17 9.32
CA VAL A 228 -4.80 3.55 9.76
C VAL A 228 -3.57 3.89 10.59
N PHE A 229 -3.24 3.00 11.51
CA PHE A 229 -2.00 3.12 12.28
C PHE A 229 -0.79 2.94 11.35
N ASP A 230 0.26 3.74 11.54
CA ASP A 230 1.47 3.55 10.75
C ASP A 230 2.29 2.40 11.32
N ILE A 231 1.90 1.18 11.00
CA ILE A 231 2.53 0.01 11.61
C ILE A 231 3.98 -0.17 11.13
N GLU A 232 4.26 0.19 9.88
CA GLU A 232 5.62 0.05 9.36
C GLU A 232 6.60 0.94 10.13
N ASP A 233 6.17 2.17 10.40
CA ASP A 233 6.96 3.07 11.19
C ASP A 233 7.16 2.53 12.62
N TYR A 234 6.11 1.95 13.21
CA TYR A 234 6.25 1.38 14.54
C TYR A 234 7.27 0.24 14.53
N MET A 235 7.14 -0.65 13.55
CA MET A 235 8.03 -1.79 13.44
C MET A 235 9.46 -1.33 13.26
N ARG A 236 9.66 -0.28 12.46
CA ARG A 236 11.00 0.27 12.24
C ARG A 236 11.59 0.76 13.56
N GLU A 237 10.83 1.56 14.30
CA GLU A 237 11.32 2.10 15.56
C GLU A 237 11.63 1.01 16.59
N TRP A 238 10.79 -0.02 16.66
CA TRP A 238 11.00 -1.05 17.66
C TRP A 238 12.27 -1.84 17.39
N ARG A 239 12.55 -2.16 16.13
CA ARG A 239 13.73 -2.94 15.81
C ARG A 239 14.99 -2.11 16.02
N THR A 240 14.80 -0.80 15.97
CA THR A 240 15.84 0.16 16.33
C THR A 240 16.09 0.14 17.85
N LYS A 241 15.00 0.22 18.62
CA LYS A 241 15.09 0.28 20.08
C LYS A 241 15.77 -0.92 20.72
N ILE A 242 15.67 -2.09 20.08
CA ILE A 242 16.35 -3.28 20.59
C ILE A 242 17.64 -3.54 19.81
N ASN B 34 -3.93 15.30 4.81
CA ASN B 34 -4.53 14.59 3.68
C ASN B 34 -4.28 13.09 3.76
N GLU B 35 -5.13 12.31 3.11
CA GLU B 35 -4.98 10.87 3.09
C GLU B 35 -4.15 10.41 1.90
N GLN B 36 -4.26 11.15 0.81
CA GLN B 36 -3.44 10.89 -0.37
C GLN B 36 -1.96 11.05 -0.02
N GLU B 37 -1.66 12.11 0.72
CA GLU B 37 -0.29 12.43 1.03
C GLU B 37 0.28 11.53 2.11
N LYS B 38 -0.60 10.99 2.94
CA LYS B 38 -0.17 10.04 3.96
C LYS B 38 0.33 8.76 3.31
N GLU B 39 -0.43 8.28 2.33
CA GLU B 39 -0.08 7.06 1.62
C GLU B 39 1.19 7.26 0.77
N LEU B 40 1.34 8.44 0.19
CA LEU B 40 2.54 8.78 -0.56
C LEU B 40 3.75 8.73 0.34
N GLN B 41 3.66 9.36 1.50
CA GLN B 41 4.80 9.40 2.41
C GLN B 41 5.21 8.01 2.87
N ARG B 42 4.24 7.17 3.19
CA ARG B 42 4.55 5.83 3.63
C ARG B 42 5.20 5.02 2.53
N ARG B 43 4.73 5.19 1.29
CA ARG B 43 5.25 4.39 0.18
C ARG B 43 6.67 4.82 -0.17
N LEU B 44 6.94 6.12 -0.10
CA LEU B 44 8.31 6.58 -0.37
C LEU B 44 9.26 6.10 0.72
N LYS B 45 8.78 6.07 1.95
CA LYS B 45 9.61 5.67 3.07
C LYS B 45 9.93 4.19 2.93
N ARG B 46 8.94 3.44 2.49
CA ARG B 46 9.02 2.00 2.34
C ARG B 46 9.92 1.60 1.16
N LEU B 47 9.76 2.27 0.03
CA LEU B 47 10.58 1.92 -1.12
C LEU B 47 12.00 2.49 -1.04
N TYR B 48 12.14 3.66 -0.42
CA TYR B 48 13.45 4.33 -0.42
C TYR B 48 13.88 4.67 1.01
N PRO B 49 14.07 3.64 1.85
CA PRO B 49 14.35 3.83 3.27
C PRO B 49 15.60 4.65 3.51
N ALA B 50 16.54 4.68 2.57
CA ALA B 50 17.81 5.35 2.79
C ALA B 50 17.75 6.81 2.38
N VAL B 51 16.64 7.21 1.78
CA VAL B 51 16.53 8.57 1.30
C VAL B 51 16.00 9.50 2.37
N ASP B 52 16.78 10.52 2.70
CA ASP B 52 16.33 11.60 3.56
C ASP B 52 15.91 12.78 2.71
N GLU B 53 14.61 12.99 2.57
CA GLU B 53 14.12 14.01 1.64
C GLU B 53 14.52 15.43 2.03
N GLN B 54 14.99 15.62 3.25
CA GLN B 54 15.54 16.92 3.64
C GLN B 54 16.84 17.18 2.91
N GLU B 55 17.56 16.10 2.60
CA GLU B 55 18.78 16.23 1.82
C GLU B 55 18.49 16.12 0.31
N THR B 56 17.69 15.13 -0.06
CA THR B 56 17.34 14.97 -1.45
C THR B 56 15.83 14.78 -1.59
N PRO B 57 15.11 15.85 -1.90
CA PRO B 57 13.66 15.64 -2.03
C PRO B 57 13.37 14.70 -3.21
N LEU B 58 12.35 13.86 -3.08
CA LEU B 58 12.01 12.93 -4.15
C LEU B 58 11.04 13.58 -5.12
N PRO B 59 11.08 13.16 -6.39
CA PRO B 59 10.06 13.69 -7.31
C PRO B 59 8.68 13.19 -6.90
N ARG B 60 7.72 14.09 -6.76
CA ARG B 60 6.38 13.72 -6.30
C ARG B 60 5.30 14.18 -7.27
N SER B 61 5.67 15.05 -8.21
CA SER B 61 4.75 15.52 -9.23
C SER B 61 5.54 16.11 -10.37
N TRP B 62 4.83 16.50 -11.42
CA TRP B 62 5.42 17.16 -12.56
C TRP B 62 5.65 18.63 -12.23
N SER B 63 6.69 19.22 -12.80
CA SER B 63 7.05 20.59 -12.50
C SER B 63 6.22 21.53 -13.36
N PRO B 64 5.57 22.52 -12.74
CA PRO B 64 4.86 23.50 -13.56
C PRO B 64 5.82 24.47 -14.26
N LYS B 65 7.06 24.58 -13.77
CA LYS B 65 8.04 25.48 -14.39
C LYS B 65 8.95 24.79 -15.41
N ASP B 66 9.25 23.51 -15.20
CA ASP B 66 10.17 22.77 -16.06
C ASP B 66 9.41 21.95 -17.13
N LYS B 67 8.65 22.63 -17.98
CA LYS B 67 7.84 22.00 -19.03
C LYS B 67 7.76 22.89 -20.27
N PHE B 68 7.50 22.29 -21.43
CA PHE B 68 7.27 23.09 -22.64
C PHE B 68 5.84 23.65 -22.63
N SER B 69 5.61 24.71 -23.40
CA SER B 69 4.34 25.44 -23.31
C SER B 69 3.17 24.59 -23.77
N TYR B 70 3.40 23.65 -24.69
CA TYR B 70 2.34 22.77 -25.17
C TYR B 70 1.91 21.71 -24.14
N ILE B 71 2.52 21.71 -22.96
CA ILE B 71 2.10 20.79 -21.90
C ILE B 71 1.21 21.48 -20.89
N GLY B 72 0.07 20.87 -20.58
CA GLY B 72 -0.75 21.30 -19.48
C GLY B 72 -0.73 20.24 -18.37
N LEU B 73 -0.80 20.72 -17.12
CA LEU B 73 -0.84 19.86 -15.93
C LEU B 73 -2.17 20.01 -15.19
N SER B 74 -2.65 18.92 -14.60
CA SER B 74 -3.82 18.97 -13.73
C SER B 74 -3.74 17.84 -12.69
N GLN B 75 -4.76 17.76 -11.83
CA GLN B 75 -4.85 16.72 -10.81
C GLN B 75 -3.59 16.71 -9.94
N ASN B 76 -3.42 17.78 -9.17
CA ASN B 76 -2.24 18.00 -8.36
C ASN B 76 -0.95 17.73 -9.12
N ASN B 77 -0.92 18.17 -10.38
CA ASN B 77 0.27 18.10 -11.21
C ASN B 77 0.75 16.67 -11.46
N LEU B 78 -0.20 15.75 -11.48
CA LEU B 78 0.10 14.37 -11.82
C LEU B 78 -0.38 14.06 -13.22
N ARG B 79 -1.37 14.80 -13.70
CA ARG B 79 -1.95 14.53 -15.01
C ARG B 79 -1.37 15.46 -16.07
N VAL B 80 -0.96 14.88 -17.20
CA VAL B 80 -0.30 15.61 -18.27
C VAL B 80 -1.17 15.57 -19.53
N HIS B 81 -1.40 16.71 -20.17
CA HIS B 81 -2.12 16.68 -21.43
C HIS B 81 -1.49 17.59 -22.47
N TYR B 82 -1.59 17.17 -23.72
CA TYR B 82 -1.08 17.96 -24.81
C TYR B 82 -2.06 19.11 -25.08
N LYS B 83 -1.58 20.34 -25.17
CA LYS B 83 -2.51 21.45 -25.40
C LYS B 83 -2.05 22.40 -26.52
N GLY B 84 -1.10 21.94 -27.33
CA GLY B 84 -0.74 22.69 -28.51
C GLY B 84 -1.64 22.31 -29.66
N HIS B 85 -1.73 23.17 -30.66
CA HIS B 85 -2.34 22.78 -31.93
C HIS B 85 -1.38 21.78 -32.55
N GLY B 86 -1.90 20.62 -32.95
CA GLY B 86 -1.03 19.56 -33.40
C GLY B 86 -0.64 19.70 -34.86
N LYS B 87 -0.29 20.91 -35.26
CA LYS B 87 0.09 21.17 -36.65
C LYS B 87 1.19 22.23 -36.76
N THR B 88 2.38 21.88 -36.24
CA THR B 88 3.59 22.67 -36.42
C THR B 88 4.72 21.69 -36.71
N PRO B 89 5.82 22.17 -37.34
CA PRO B 89 6.99 21.33 -37.64
C PRO B 89 7.50 20.51 -36.46
N LYS B 90 7.61 21.15 -35.30
CA LYS B 90 7.78 20.40 -34.08
C LYS B 90 6.78 20.66 -33.00
N ASP B 91 5.86 19.73 -32.91
CA ASP B 91 4.81 19.78 -31.93
C ASP B 91 5.23 19.14 -30.59
N ALA B 92 6.32 18.39 -30.60
CA ALA B 92 6.75 17.60 -29.45
C ALA B 92 6.96 18.45 -28.19
N ALA B 93 6.46 17.96 -27.06
CA ALA B 93 6.55 18.72 -25.81
C ALA B 93 6.78 17.80 -24.60
N SER B 94 7.76 18.17 -23.76
CA SER B 94 8.12 17.35 -22.61
C SER B 94 7.94 18.09 -21.30
N VAL B 95 7.88 17.32 -20.23
CA VAL B 95 7.82 17.89 -18.90
C VAL B 95 8.68 17.03 -17.98
N ARG B 96 9.40 17.69 -17.09
CA ARG B 96 10.21 17.00 -16.11
C ARG B 96 9.55 17.08 -14.75
N ALA B 97 9.76 16.05 -13.93
CA ALA B 97 9.33 16.05 -12.55
C ALA B 97 10.02 17.16 -11.77
N THR B 98 9.57 17.40 -10.55
CA THR B 98 10.10 18.50 -9.73
C THR B 98 11.54 18.32 -9.29
N HIS B 99 12.00 17.07 -9.18
CA HIS B 99 13.34 16.78 -8.69
C HIS B 99 13.96 15.62 -9.44
N PRO B 100 15.30 15.59 -9.52
CA PRO B 100 16.04 14.44 -10.03
C PRO B 100 15.99 13.26 -9.04
N ILE B 101 16.29 12.05 -9.52
CA ILE B 101 16.30 10.85 -8.69
C ILE B 101 17.56 10.78 -7.85
N PRO B 102 17.42 10.75 -6.51
CA PRO B 102 18.66 10.70 -5.72
C PRO B 102 19.30 9.32 -5.73
N ALA B 103 20.64 9.28 -5.67
CA ALA B 103 21.36 8.03 -5.71
C ALA B 103 20.95 7.11 -4.54
N ALA B 104 20.60 7.71 -3.41
CA ALA B 104 20.29 6.94 -2.21
C ALA B 104 19.04 6.07 -2.37
N CYS B 105 18.32 6.24 -3.46
CA CYS B 105 17.23 5.32 -3.78
C CYS B 105 17.76 3.91 -4.00
N GLY B 106 18.93 3.81 -4.63
CA GLY B 106 19.46 2.51 -4.99
C GLY B 106 18.76 2.04 -6.25
N ILE B 107 17.47 1.76 -6.12
CA ILE B 107 16.60 1.49 -7.26
C ILE B 107 15.40 2.43 -7.19
N TYR B 108 15.07 3.08 -8.31
CA TYR B 108 13.92 3.98 -8.35
C TYR B 108 12.88 3.51 -9.37
N TYR B 109 11.60 3.75 -9.06
CA TYR B 109 10.52 3.31 -9.92
C TYR B 109 9.40 4.35 -10.01
N PHE B 110 8.92 4.63 -11.22
CA PHE B 110 7.65 5.36 -11.34
C PHE B 110 6.82 4.73 -12.46
N GLU B 111 5.52 4.93 -12.44
CA GLU B 111 4.68 4.39 -13.52
C GLU B 111 3.85 5.48 -14.17
N VAL B 112 3.58 5.32 -15.46
CA VAL B 112 2.78 6.28 -16.20
C VAL B 112 1.61 5.55 -16.82
N LYS B 113 0.40 6.01 -16.50
CA LYS B 113 -0.79 5.43 -17.08
C LYS B 113 -1.21 6.23 -18.32
N ILE B 114 -1.42 5.55 -19.44
CA ILE B 114 -1.91 6.22 -20.63
C ILE B 114 -3.44 6.33 -20.54
N VAL B 115 -3.90 7.48 -20.10
CA VAL B 115 -5.32 7.75 -20.00
C VAL B 115 -5.94 7.84 -21.39
N SER B 116 -5.27 8.55 -22.30
CA SER B 116 -5.73 8.72 -23.68
C SER B 116 -4.56 8.82 -24.65
N LYS B 117 -4.55 7.95 -25.66
CA LYS B 117 -3.52 8.00 -26.69
C LYS B 117 -3.73 9.20 -27.62
N GLY B 118 -4.91 9.79 -27.54
CA GLY B 118 -5.20 10.98 -28.34
C GLY B 118 -5.22 10.68 -29.84
N ARG B 119 -4.68 11.60 -30.64
CA ARG B 119 -4.74 11.43 -32.09
C ARG B 119 -3.81 10.32 -32.57
N ASP B 120 -2.54 10.45 -32.30
CA ASP B 120 -1.57 9.52 -32.86
C ASP B 120 -0.80 8.73 -31.81
N GLY B 121 -0.93 9.10 -30.54
CA GLY B 121 -0.26 8.36 -29.50
C GLY B 121 1.25 8.42 -29.60
N TYR B 122 1.75 9.60 -29.97
CA TYR B 122 3.19 9.84 -30.06
C TYR B 122 3.65 10.27 -28.67
N MET B 123 3.75 9.30 -27.78
CA MET B 123 4.02 9.55 -26.38
C MET B 123 5.30 8.84 -25.96
N GLY B 124 6.20 9.57 -25.31
CA GLY B 124 7.41 8.97 -24.82
C GLY B 124 7.54 9.05 -23.31
N ILE B 125 8.06 7.98 -22.72
CA ILE B 125 8.26 7.92 -21.29
C ILE B 125 9.71 7.63 -21.00
N GLY B 126 10.30 8.41 -20.10
CA GLY B 126 11.67 8.16 -19.77
C GLY B 126 12.29 9.10 -18.78
N LEU B 127 13.52 9.49 -19.10
CA LEU B 127 14.39 10.23 -18.20
C LEU B 127 15.12 11.31 -18.99
N SER B 128 15.45 12.42 -18.34
CA SER B 128 16.27 13.42 -18.99
C SER B 128 17.03 14.22 -17.96
N ALA B 129 18.18 14.76 -18.36
CA ALA B 129 18.95 15.61 -17.47
C ALA B 129 18.31 16.98 -17.35
N GLN B 130 18.72 17.74 -16.34
CA GLN B 130 18.31 19.13 -16.18
C GLN B 130 18.63 19.90 -17.45
N GLY B 131 17.75 20.82 -17.81
CA GLY B 131 18.00 21.72 -18.92
C GLY B 131 17.91 21.16 -20.33
N VAL B 132 17.65 19.86 -20.49
CA VAL B 132 17.48 19.32 -21.84
C VAL B 132 16.28 19.97 -22.53
N ASN B 133 16.38 20.19 -23.84
CA ASN B 133 15.33 20.88 -24.59
C ASN B 133 13.98 20.16 -24.52
N MET B 134 12.93 20.92 -24.23
CA MET B 134 11.63 20.34 -23.94
C MET B 134 10.65 20.37 -25.11
N ASN B 135 11.12 20.91 -26.24
CA ASN B 135 10.37 20.89 -27.48
C ASN B 135 10.68 19.58 -28.21
N ARG B 136 10.81 18.51 -27.43
CA ARG B 136 11.21 17.19 -27.93
C ARG B 136 10.48 16.05 -27.18
N LEU B 137 10.50 14.86 -27.75
CA LEU B 137 10.14 13.67 -27.00
C LEU B 137 11.38 13.13 -26.29
N PRO B 138 11.20 12.54 -25.09
CA PRO B 138 12.36 12.07 -24.33
C PRO B 138 13.18 11.07 -25.12
N GLY B 139 14.50 11.27 -25.16
CA GLY B 139 15.39 10.34 -25.84
C GLY B 139 15.93 10.85 -27.15
N TRP B 140 15.28 11.85 -27.73
CA TRP B 140 15.76 12.41 -29.00
C TRP B 140 17.07 13.14 -28.81
N ASP B 141 17.26 13.77 -27.65
CA ASP B 141 18.45 14.58 -27.44
C ASP B 141 19.48 13.94 -26.54
N LYS B 142 20.68 14.50 -26.55
CA LYS B 142 21.75 14.09 -25.66
C LYS B 142 21.27 14.11 -24.20
N HIS B 143 21.65 13.11 -23.41
CA HIS B 143 21.28 13.03 -21.99
C HIS B 143 19.76 12.95 -21.80
N SER B 144 19.10 12.22 -22.67
CA SER B 144 17.66 12.06 -22.64
C SER B 144 17.35 10.63 -23.08
N TYR B 145 16.38 9.98 -22.42
CA TYR B 145 16.15 8.55 -22.64
C TYR B 145 14.66 8.30 -22.69
N GLY B 146 14.20 7.56 -23.70
CA GLY B 146 12.77 7.40 -23.88
C GLY B 146 12.31 6.09 -24.47
N TYR B 147 11.08 5.74 -24.14
CA TYR B 147 10.39 4.57 -24.67
C TYR B 147 9.08 5.10 -25.20
N HIS B 148 8.80 4.85 -26.48
CA HIS B 148 7.72 5.52 -27.20
C HIS B 148 6.61 4.55 -27.54
N GLY B 149 5.36 4.99 -27.37
CA GLY B 149 4.20 4.12 -27.51
C GLY B 149 3.77 3.77 -28.93
N ASP B 150 3.99 4.66 -29.87
CA ASP B 150 3.54 4.41 -31.24
C ASP B 150 4.33 3.29 -31.92
N ASP B 151 5.62 3.17 -31.59
CA ASP B 151 6.48 2.18 -32.25
C ASP B 151 7.21 1.17 -31.33
N GLY B 152 7.14 1.35 -30.01
CA GLY B 152 7.70 0.36 -29.10
C GLY B 152 9.20 0.49 -28.97
N HIS B 153 9.68 1.62 -29.44
CA HIS B 153 11.09 1.84 -29.66
C HIS B 153 11.74 2.64 -28.54
N SER B 154 12.98 2.26 -28.21
CA SER B 154 13.73 2.99 -27.21
C SER B 154 14.61 4.03 -27.89
N PHE B 155 14.77 5.17 -27.24
CA PHE B 155 15.51 6.28 -27.81
C PHE B 155 16.58 6.76 -26.85
N CYS B 156 17.84 6.57 -27.25
CA CYS B 156 18.96 6.83 -26.37
C CYS B 156 19.87 7.92 -26.91
N SER B 157 19.53 9.17 -26.63
CA SER B 157 20.26 10.33 -27.16
C SER B 157 20.40 10.34 -28.69
N SER B 158 19.36 9.89 -29.38
CA SER B 158 19.34 9.86 -30.84
C SER B 158 17.89 9.94 -31.35
N GLY B 159 17.69 10.60 -32.49
CA GLY B 159 16.36 10.70 -33.08
C GLY B 159 15.88 9.41 -33.75
N THR B 160 16.77 8.43 -33.85
CA THR B 160 16.43 7.13 -34.44
C THR B 160 16.39 6.05 -33.36
N GLY B 161 15.25 5.38 -33.26
CA GLY B 161 15.05 4.42 -32.20
C GLY B 161 15.66 3.07 -32.51
N GLN B 162 15.65 2.20 -31.51
CA GLN B 162 15.96 0.78 -31.66
C GLN B 162 14.70 0.02 -31.31
N PRO B 163 14.45 -1.12 -31.98
CA PRO B 163 13.33 -1.93 -31.51
C PRO B 163 13.59 -2.32 -30.06
N TYR B 164 12.59 -2.18 -29.18
CA TYR B 164 12.82 -2.50 -27.78
C TYR B 164 11.63 -3.24 -27.21
N GLY B 165 10.45 -2.65 -27.28
CA GLY B 165 9.29 -3.28 -26.68
C GLY B 165 8.06 -3.17 -27.54
N PRO B 166 6.92 -3.61 -27.00
CA PRO B 166 5.65 -3.47 -27.69
C PRO B 166 5.26 -2.00 -27.78
N THR B 167 4.32 -1.70 -28.66
CA THR B 167 3.66 -0.41 -28.64
C THR B 167 2.83 -0.31 -27.35
N PHE B 168 2.43 0.89 -26.98
CA PHE B 168 1.45 1.03 -25.91
C PHE B 168 0.48 2.15 -26.24
N THR B 169 -0.67 2.09 -25.58
CA THR B 169 -1.82 2.88 -25.98
C THR B 169 -2.75 3.07 -24.79
N THR B 170 -3.91 3.68 -25.06
CA THR B 170 -4.93 3.93 -24.05
C THR B 170 -5.18 2.74 -23.14
N GLY B 171 -5.05 2.96 -21.83
CA GLY B 171 -5.33 1.92 -20.86
C GLY B 171 -4.09 1.27 -20.25
N ASP B 172 -2.98 1.29 -21.00
CA ASP B 172 -1.76 0.63 -20.56
C ASP B 172 -1.07 1.40 -19.45
N VAL B 173 -0.31 0.68 -18.63
CA VAL B 173 0.53 1.30 -17.63
C VAL B 173 1.96 0.97 -17.97
N ILE B 174 2.79 2.01 -18.08
CA ILE B 174 4.18 1.82 -18.42
C ILE B 174 5.06 2.25 -17.25
N GLY B 175 5.94 1.36 -16.80
CA GLY B 175 6.81 1.67 -15.67
C GLY B 175 8.24 1.87 -16.12
N CYS B 176 8.99 2.63 -15.36
CA CYS B 176 10.39 2.92 -15.69
C CYS B 176 11.21 2.69 -14.44
N CYS B 177 12.03 1.65 -14.45
CA CYS B 177 12.83 1.32 -13.27
C CYS B 177 14.28 1.71 -13.48
N VAL B 178 14.83 2.52 -12.57
CA VAL B 178 16.19 3.01 -12.72
C VAL B 178 17.08 2.49 -11.63
N ASN B 179 18.26 2.03 -12.00
CA ASN B 179 19.18 1.51 -10.99
C ASN B 179 20.33 2.50 -10.84
N LEU B 180 20.41 3.10 -9.66
CA LEU B 180 21.38 4.17 -9.43
C LEU B 180 22.76 3.59 -9.14
N ILE B 181 22.79 2.30 -8.83
CA ILE B 181 24.03 1.62 -8.52
C ILE B 181 24.76 1.22 -9.80
N ASN B 182 24.07 0.54 -10.72
CA ASN B 182 24.74 0.12 -11.96
C ASN B 182 24.38 0.97 -13.20
N ASN B 183 23.56 2.00 -13.00
CA ASN B 183 23.25 2.97 -14.04
C ASN B 183 22.55 2.37 -15.24
N THR B 184 21.58 1.51 -14.96
CA THR B 184 20.79 0.91 -16.01
C THR B 184 19.31 1.12 -15.75
N CYS B 185 18.51 0.94 -16.80
CA CYS B 185 17.09 1.18 -16.72
C CYS B 185 16.32 0.12 -17.50
N PHE B 186 15.26 -0.42 -16.90
CA PHE B 186 14.31 -1.22 -17.69
C PHE B 186 12.92 -0.64 -17.60
N TYR B 187 12.10 -0.93 -18.60
CA TYR B 187 10.70 -0.52 -18.55
C TYR B 187 9.80 -1.71 -18.26
N THR B 188 8.57 -1.41 -17.86
CA THR B 188 7.57 -2.45 -17.66
C THR B 188 6.29 -2.06 -18.39
N LYS B 189 5.51 -3.05 -18.78
CA LYS B 189 4.18 -2.80 -19.33
C LYS B 189 3.14 -3.65 -18.62
N ASN B 190 2.14 -2.99 -18.03
CA ASN B 190 1.08 -3.69 -17.33
C ASN B 190 1.59 -4.75 -16.35
N GLY B 191 2.67 -4.44 -15.66
CA GLY B 191 3.19 -5.33 -14.64
C GLY B 191 4.27 -6.30 -15.08
N HIS B 192 4.67 -6.23 -16.35
CA HIS B 192 5.65 -7.18 -16.86
C HIS B 192 6.93 -6.49 -17.30
N SER B 193 8.07 -6.95 -16.79
CA SER B 193 9.35 -6.36 -17.21
C SER B 193 9.58 -6.52 -18.70
N LEU B 194 10.19 -5.51 -19.32
CA LEU B 194 10.51 -5.54 -20.74
C LEU B 194 12.01 -5.67 -20.99
N GLY B 195 12.77 -5.96 -19.93
CA GLY B 195 14.22 -6.05 -20.06
C GLY B 195 14.93 -4.71 -20.12
N ILE B 196 16.24 -4.74 -19.90
CA ILE B 196 17.03 -3.51 -19.86
C ILE B 196 16.96 -2.75 -21.17
N ALA B 197 16.68 -1.46 -21.10
CA ALA B 197 16.65 -0.63 -22.28
C ALA B 197 17.90 0.19 -22.42
N PHE B 198 18.46 0.63 -21.29
CA PHE B 198 19.58 1.57 -21.33
C PHE B 198 20.67 1.21 -20.34
N THR B 199 21.90 1.52 -20.71
CA THR B 199 23.02 1.40 -19.78
C THR B 199 23.77 2.71 -19.82
N ASP B 200 24.76 2.89 -18.93
CA ASP B 200 25.58 4.09 -18.92
C ASP B 200 24.77 5.37 -18.68
N LEU B 201 23.72 5.26 -17.88
CA LEU B 201 22.93 6.44 -17.52
C LEU B 201 23.76 7.40 -16.68
N PRO B 202 23.74 8.69 -17.04
CA PRO B 202 24.29 9.76 -16.23
C PRO B 202 23.53 9.85 -14.91
N PRO B 203 24.09 10.52 -13.90
CA PRO B 203 23.39 10.75 -12.64
C PRO B 203 22.38 11.91 -12.73
N ASN B 204 21.57 12.07 -11.68
CA ASN B 204 20.62 13.17 -11.57
C ASN B 204 19.63 13.27 -12.72
N LEU B 205 19.06 12.14 -13.11
CA LEU B 205 18.07 12.13 -14.17
C LEU B 205 16.69 12.46 -13.59
N TYR B 206 15.88 13.16 -14.37
CA TYR B 206 14.50 13.47 -13.99
C TYR B 206 13.54 12.56 -14.70
N PRO B 207 12.56 11.99 -13.98
CA PRO B 207 11.43 11.37 -14.69
C PRO B 207 10.88 12.34 -15.73
N THR B 208 10.57 11.86 -16.92
CA THR B 208 10.15 12.74 -18.00
C THR B 208 9.08 12.08 -18.84
N VAL B 209 8.10 12.87 -19.25
CA VAL B 209 7.11 12.40 -20.20
C VAL B 209 7.08 13.40 -21.35
N GLY B 210 6.92 12.89 -22.57
CA GLY B 210 6.74 13.76 -23.71
C GLY B 210 5.52 13.35 -24.50
N LEU B 211 4.74 14.35 -24.93
CA LEU B 211 3.56 14.15 -25.76
C LEU B 211 3.69 14.96 -27.05
N GLN B 212 2.97 14.58 -28.11
CA GLN B 212 3.09 15.30 -29.36
C GLN B 212 1.76 15.68 -30.07
N THR B 213 0.70 14.87 -29.90
CA THR B 213 -0.54 15.14 -30.63
C THR B 213 -1.71 15.43 -29.70
N PRO B 214 -2.70 16.21 -30.20
CA PRO B 214 -3.83 16.60 -29.32
C PRO B 214 -4.57 15.39 -28.77
N GLY B 215 -5.11 15.55 -27.56
CA GLY B 215 -5.86 14.48 -26.94
C GLY B 215 -5.02 13.50 -26.14
N GLU B 216 -3.69 13.61 -26.23
CA GLU B 216 -2.85 12.73 -25.43
C GLU B 216 -2.93 13.16 -23.98
N VAL B 217 -3.18 12.19 -23.12
CA VAL B 217 -3.28 12.43 -21.68
C VAL B 217 -2.63 11.28 -20.93
N VAL B 218 -1.69 11.57 -20.04
CA VAL B 218 -1.11 10.52 -19.20
C VAL B 218 -0.99 10.95 -17.75
N ASP B 219 -1.02 9.97 -16.85
CA ASP B 219 -0.94 10.21 -15.41
C ASP B 219 0.34 9.60 -14.84
N ALA B 220 1.07 10.38 -14.04
CA ALA B 220 2.19 9.84 -13.28
C ALA B 220 1.73 9.25 -11.96
N ASN B 221 2.29 8.09 -11.64
CA ASN B 221 2.32 7.60 -10.27
C ASN B 221 3.77 7.61 -9.79
N PHE B 222 4.09 8.59 -8.94
CA PHE B 222 5.40 8.67 -8.33
C PHE B 222 5.40 7.99 -6.96
N GLY B 223 4.36 7.21 -6.68
CA GLY B 223 4.24 6.60 -5.37
C GLY B 223 2.92 6.92 -4.68
N GLN B 224 2.11 7.77 -5.30
CA GLN B 224 0.78 8.06 -4.73
C GLN B 224 -0.12 6.82 -4.62
N HIS B 225 0.13 5.83 -5.47
CA HIS B 225 -0.70 4.62 -5.55
C HIS B 225 0.16 3.38 -5.61
N PRO B 226 -0.41 2.22 -5.25
CA PRO B 226 0.28 0.94 -5.47
C PRO B 226 0.71 0.82 -6.93
N PHE B 227 1.85 0.20 -7.20
CA PHE B 227 2.31 0.07 -8.56
C PHE B 227 1.73 -1.21 -9.16
N VAL B 228 1.52 -1.23 -10.47
CA VAL B 228 1.05 -2.44 -11.13
C VAL B 228 2.16 -3.49 -11.10
N PHE B 229 3.35 -3.09 -11.49
CA PHE B 229 4.55 -3.91 -11.35
C PHE B 229 4.84 -4.17 -9.87
N ASP B 230 5.24 -5.39 -9.52
CA ASP B 230 5.62 -5.68 -8.14
C ASP B 230 7.07 -5.24 -7.91
N ILE B 231 7.26 -3.95 -7.70
CA ILE B 231 8.59 -3.37 -7.56
C ILE B 231 9.28 -3.85 -6.28
N GLU B 232 8.51 -4.11 -5.23
CA GLU B 232 9.08 -4.58 -3.97
C GLU B 232 9.72 -5.94 -4.15
N ASP B 233 9.03 -6.83 -4.85
CA ASP B 233 9.56 -8.14 -5.15
C ASP B 233 10.81 -8.02 -6.03
N TYR B 234 10.76 -7.15 -7.05
CA TYR B 234 11.94 -6.95 -7.88
C TYR B 234 13.13 -6.45 -7.06
N MET B 235 12.88 -5.52 -6.15
CA MET B 235 13.96 -4.96 -5.35
C MET B 235 14.54 -6.04 -4.45
N ARG B 236 13.67 -6.88 -3.89
CA ARG B 236 14.13 -7.97 -3.03
C ARG B 236 15.02 -8.92 -3.83
N GLU B 237 14.53 -9.37 -4.99
CA GLU B 237 15.27 -10.30 -5.84
C GLU B 237 16.65 -9.72 -6.24
N TRP B 238 16.74 -8.41 -6.53
CA TRP B 238 17.99 -7.84 -7.01
C TRP B 238 19.04 -7.72 -5.89
N ARG B 239 18.61 -7.37 -4.69
CA ARG B 239 19.56 -7.21 -3.58
C ARG B 239 20.12 -8.55 -3.11
N THR B 240 19.36 -9.62 -3.33
CA THR B 240 19.87 -10.96 -3.08
C THR B 240 20.87 -11.38 -4.18
N LYS B 241 20.57 -11.03 -5.42
CA LYS B 241 21.38 -11.42 -6.57
C LYS B 241 22.82 -10.89 -6.49
N ILE B 242 23.02 -9.82 -5.73
CA ILE B 242 24.37 -9.30 -5.52
C ILE B 242 24.84 -9.54 -4.07
N GLU C 8 -23.43 -7.15 29.10
CA GLU C 8 -22.58 -5.96 29.26
C GLU C 8 -21.26 -6.15 28.52
N SER C 9 -20.20 -5.48 28.97
CA SER C 9 -18.86 -5.90 28.60
C SER C 9 -18.25 -6.66 29.77
N SER C 10 -18.76 -6.39 30.98
CA SER C 10 -18.54 -7.29 32.11
C SER C 10 -19.22 -8.63 31.87
N ASP C 11 -18.59 -9.70 32.35
CA ASP C 11 -19.19 -11.03 32.33
C ASP C 11 -20.55 -11.01 33.04
N SER C 12 -20.63 -10.33 34.17
CA SER C 12 -21.87 -10.21 34.93
C SER C 12 -22.62 -8.95 34.51
N GLN C 13 -23.92 -8.95 34.77
CA GLN C 13 -24.81 -7.94 34.21
C GLN C 13 -25.19 -6.87 35.23
N GLU D 8 6.59 11.55 -35.93
CA GLU D 8 6.20 10.32 -35.28
C GLU D 8 6.83 10.28 -33.91
N SER D 9 7.33 9.12 -33.56
CA SER D 9 8.23 9.01 -32.43
C SER D 9 9.66 9.31 -32.88
N SER D 10 9.96 9.07 -34.15
CA SER D 10 11.22 9.58 -34.74
C SER D 10 11.32 11.09 -34.75
N ASP D 11 12.47 11.63 -34.38
CA ASP D 11 12.68 13.07 -34.35
C ASP D 11 12.34 13.70 -35.69
N SER D 12 12.22 12.94 -36.76
CA SER D 12 12.03 13.59 -38.06
C SER D 12 11.36 12.78 -39.16
N GLN D 13 10.14 13.19 -39.51
CA GLN D 13 9.39 12.65 -40.63
C GLN D 13 10.34 12.43 -41.80
CL CL E . 1.37 -1.37 4.12
CL CL F . 4.00 -0.27 -2.23
#